data_1P8T
#
_entry.id   1P8T
#
_cell.length_a   123.958
_cell.length_b   123.958
_cell.length_c   120.173
_cell.angle_alpha   90.0
_cell.angle_beta   90.0
_cell.angle_gamma   120.0
#
_symmetry.space_group_name_H-M   'P 31 2 1'
#
loop_
_entity.id
_entity.type
_entity.pdbx_description
1 polymer 'Reticulon 4 receptor'
2 non-polymer 2-acetamido-2-deoxy-beta-D-glucopyranose
3 non-polymer 2-acetamido-2-deoxy-alpha-D-glucopyranose
#
_entity_poly.entity_id   1
_entity_poly.type   'polypeptide(L)'
_entity_poly.pdbx_seq_one_letter_code
;CPGACVCYNEPKVTTSCPQQGLQAVPVGIPAASQRIFLHGNRISHVPAASFRACRNLTILWLHSNVLARIDAAAFTGLAL
LEQLDLSDNAQLRSVDPATFHGLGRLHTLHLDRCGLQELGPGLFRGLAALQYLYLQDNALQALPDDTFRDLGNLTHLFLH
GNRISSVPERAFRGLHSLDRLLLHQNRVAHVHPHAFRDLGRLMTLYLFANNLSALPTEALAPLRALQYLRLNDNPWVCDC
RARPLWAWLQKFRGSSSEVPCSLPQRLAGRDLKRLAANDLQGCAV
;
_entity_poly.pdbx_strand_id   A
#
loop_
_chem_comp.id
_chem_comp.type
_chem_comp.name
_chem_comp.formula
NAG D-saccharide, beta linking 2-acetamido-2-deoxy-beta-D-glucopyranose 'C8 H15 N O6'
NDG D-saccharide, alpha linking 2-acetamido-2-deoxy-alpha-D-glucopyranose 'C8 H15 N O6'
#
# COMPACT_ATOMS: atom_id res chain seq x y z
N CYS A 1 -8.56 35.79 -4.03
CA CYS A 1 -7.79 34.50 -4.15
C CYS A 1 -6.39 34.68 -4.74
N PRO A 2 -5.43 33.86 -4.29
CA PRO A 2 -4.08 34.02 -4.84
C PRO A 2 -4.08 34.01 -6.37
N GLY A 3 -3.09 34.68 -6.95
CA GLY A 3 -2.99 34.69 -8.40
C GLY A 3 -2.54 33.29 -8.78
N ALA A 4 -2.71 32.94 -10.05
CA ALA A 4 -2.30 31.61 -10.50
C ALA A 4 -3.22 30.55 -9.91
N CYS A 5 -4.45 30.94 -9.62
CA CYS A 5 -5.44 30.03 -9.07
C CYS A 5 -6.80 30.49 -9.53
N VAL A 6 -7.77 29.60 -9.44
CA VAL A 6 -9.12 29.93 -9.81
C VAL A 6 -9.88 29.56 -8.58
N CYS A 7 -10.82 30.37 -8.15
CA CYS A 7 -11.55 29.99 -6.97
C CYS A 7 -13.03 29.97 -7.16
N TYR A 8 -13.65 28.93 -6.61
CA TYR A 8 -15.07 28.79 -6.71
C TYR A 8 -15.69 28.08 -5.51
N ASN A 9 -16.91 28.49 -5.19
CA ASN A 9 -17.64 27.92 -4.08
C ASN A 9 -18.56 26.80 -4.63
N GLU A 10 -18.96 26.98 -5.90
CA GLU A 10 -19.83 26.07 -6.66
C GLU A 10 -20.25 24.76 -5.97
N PRO A 11 -19.60 23.62 -6.28
CA PRO A 11 -20.08 22.43 -5.57
C PRO A 11 -19.64 22.49 -4.13
N LYS A 12 -18.34 22.67 -3.93
CA LYS A 12 -17.73 22.81 -2.61
C LYS A 12 -16.70 23.91 -2.86
N VAL A 13 -16.17 24.53 -1.81
CA VAL A 13 -15.20 25.60 -2.04
C VAL A 13 -13.82 25.07 -2.45
N THR A 14 -13.40 25.44 -3.65
CA THR A 14 -12.13 24.99 -4.20
C THR A 14 -11.12 26.11 -4.41
N THR A 15 -9.83 25.81 -4.30
CA THR A 15 -8.82 26.83 -4.53
C THR A 15 -8.10 26.55 -5.85
N SER A 16 -7.74 25.31 -6.12
CA SER A 16 -7.15 24.96 -7.41
C SER A 16 -6.07 25.82 -8.10
N CYS A 17 -4.80 25.41 -7.98
CA CYS A 17 -3.71 26.13 -8.65
C CYS A 17 -2.80 25.06 -9.19
N PRO A 18 -3.37 24.06 -9.85
CA PRO A 18 -2.54 22.99 -10.39
C PRO A 18 -1.67 23.38 -11.58
N GLN A 19 -0.50 22.75 -11.66
CA GLN A 19 0.44 23.00 -12.74
C GLN A 19 0.56 24.49 -13.05
N GLN A 20 0.85 25.27 -12.03
CA GLN A 20 0.99 26.70 -12.22
C GLN A 20 2.42 27.10 -11.95
N GLY A 21 3.29 26.11 -11.85
CA GLY A 21 4.69 26.38 -11.60
C GLY A 21 4.99 26.89 -10.20
N LEU A 22 4.05 26.78 -9.28
CA LEU A 22 4.29 27.25 -7.92
C LEU A 22 5.52 26.59 -7.25
N GLN A 23 6.35 27.40 -6.59
CA GLN A 23 7.52 26.84 -5.90
C GLN A 23 7.24 26.55 -4.44
N ALA A 24 6.15 27.10 -3.90
CA ALA A 24 5.78 26.90 -2.50
C ALA A 24 4.32 27.17 -2.29
N VAL A 25 3.79 26.72 -1.17
CA VAL A 25 2.38 26.92 -0.88
C VAL A 25 2.08 28.41 -0.71
N PRO A 26 1.25 28.99 -1.59
CA PRO A 26 0.86 30.39 -1.59
C PRO A 26 0.30 30.76 -0.24
N VAL A 27 0.43 32.02 0.14
CA VAL A 27 -0.04 32.48 1.43
C VAL A 27 -1.54 32.74 1.46
N GLY A 28 -2.06 33.32 0.39
CA GLY A 28 -3.48 33.65 0.41
C GLY A 28 -4.57 32.59 0.22
N ILE A 29 -4.27 31.31 0.41
CA ILE A 29 -5.33 30.33 0.21
C ILE A 29 -6.50 30.62 1.16
N PRO A 30 -7.62 31.06 0.60
CA PRO A 30 -8.80 31.38 1.41
C PRO A 30 -9.12 30.28 2.42
N ALA A 31 -9.18 30.67 3.69
CA ALA A 31 -9.43 29.74 4.80
C ALA A 31 -10.66 28.85 4.66
N ALA A 32 -11.80 29.43 4.31
CA ALA A 32 -13.01 28.64 4.20
C ALA A 32 -13.02 27.77 2.95
N SER A 33 -11.86 27.31 2.53
CA SER A 33 -11.79 26.47 1.34
C SER A 33 -12.06 25.02 1.73
N GLN A 34 -12.85 24.35 0.91
CA GLN A 34 -13.18 22.96 1.16
C GLN A 34 -12.11 22.02 0.60
N ARG A 35 -11.84 22.14 -0.70
CA ARG A 35 -10.81 21.31 -1.33
C ARG A 35 -9.78 22.19 -2.04
N ILE A 36 -8.50 21.87 -1.83
CA ILE A 36 -7.38 22.62 -2.39
C ILE A 36 -6.57 21.76 -3.34
N PHE A 37 -6.29 22.28 -4.53
CA PHE A 37 -5.50 21.54 -5.53
C PHE A 37 -4.14 22.20 -5.88
N LEU A 38 -3.03 21.56 -5.48
CA LEU A 38 -1.70 22.10 -5.76
C LEU A 38 -0.75 21.11 -6.42
N HIS A 39 -1.29 20.13 -7.14
CA HIS A 39 -0.42 19.15 -7.77
C HIS A 39 0.25 19.73 -9.00
N GLY A 40 1.35 19.15 -9.44
CA GLY A 40 2.01 19.65 -10.63
C GLY A 40 2.79 20.94 -10.50
N ASN A 41 3.00 21.41 -9.27
CA ASN A 41 3.79 22.62 -9.13
C ASN A 41 5.22 22.16 -8.83
N ARG A 42 5.98 22.99 -8.11
CA ARG A 42 7.35 22.66 -7.76
C ARG A 42 7.53 22.93 -6.28
N ILE A 43 6.41 22.87 -5.55
CA ILE A 43 6.41 23.09 -4.11
C ILE A 43 7.33 22.09 -3.42
N SER A 44 8.48 22.54 -2.94
CA SER A 44 9.39 21.61 -2.29
C SER A 44 9.18 21.40 -0.77
N HIS A 45 8.24 22.13 -0.17
CA HIS A 45 7.99 21.98 1.27
C HIS A 45 6.52 22.15 1.64
N VAL A 46 6.15 21.66 2.81
CA VAL A 46 4.79 21.80 3.34
C VAL A 46 5.14 22.17 4.77
N PRO A 47 5.54 23.42 4.98
CA PRO A 47 5.93 23.91 6.31
C PRO A 47 4.83 23.82 7.35
N ALA A 48 5.24 23.82 8.61
CA ALA A 48 4.31 23.73 9.73
C ALA A 48 3.08 24.60 9.54
N ALA A 49 1.93 24.03 9.88
CA ALA A 49 0.65 24.72 9.75
C ALA A 49 0.55 25.56 8.46
N SER A 50 0.58 24.87 7.30
CA SER A 50 0.48 25.51 5.99
C SER A 50 -0.98 25.70 5.61
N PHE A 51 -1.87 24.84 6.11
CA PHE A 51 -3.28 24.98 5.79
C PHE A 51 -4.18 25.14 7.02
N ARG A 52 -3.56 25.39 8.17
CA ARG A 52 -4.26 25.57 9.44
C ARG A 52 -5.64 26.27 9.40
N ALA A 53 -5.69 27.49 8.88
CA ALA A 53 -6.97 28.20 8.84
C ALA A 53 -8.03 27.56 7.97
N CYS A 54 -7.73 26.43 7.34
CA CYS A 54 -8.69 25.77 6.47
C CYS A 54 -9.41 24.64 7.17
N ARG A 55 -9.87 24.91 8.39
CA ARG A 55 -10.57 23.90 9.19
C ARG A 55 -11.58 23.00 8.44
N ASN A 56 -12.12 23.43 7.30
CA ASN A 56 -13.07 22.59 6.58
C ASN A 56 -12.54 21.97 5.30
N LEU A 57 -11.23 21.74 5.27
CA LEU A 57 -10.56 21.16 4.11
C LEU A 57 -10.88 19.65 4.01
N THR A 58 -11.50 19.25 2.91
CA THR A 58 -11.86 17.85 2.74
C THR A 58 -10.85 17.15 1.84
N ILE A 59 -10.54 17.80 0.73
CA ILE A 59 -9.61 17.23 -0.22
C ILE A 59 -8.39 18.13 -0.33
N LEU A 60 -7.23 17.52 -0.36
CA LEU A 60 -5.99 18.25 -0.53
C LEU A 60 -5.07 17.43 -1.43
N TRP A 61 -4.56 18.04 -2.50
CA TRP A 61 -3.67 17.36 -3.45
C TRP A 61 -2.32 18.07 -3.61
N LEU A 62 -1.23 17.38 -3.31
CA LEU A 62 0.08 18.00 -3.44
C LEU A 62 0.99 17.17 -4.30
N HIS A 63 0.43 16.14 -4.94
CA HIS A 63 1.23 15.24 -5.77
C HIS A 63 1.98 15.87 -6.96
N SER A 64 3.14 15.30 -7.26
CA SER A 64 4.00 15.76 -8.36
C SER A 64 4.47 17.16 -8.00
N ASN A 65 5.33 17.25 -7.00
CA ASN A 65 5.81 18.54 -6.56
C ASN A 65 7.24 18.64 -6.05
N VAL A 66 8.08 17.64 -6.25
CA VAL A 66 9.45 17.83 -5.77
C VAL A 66 9.43 18.15 -4.25
N LEU A 67 8.54 17.49 -3.52
CA LEU A 67 8.48 17.70 -2.09
C LEU A 67 9.79 17.13 -1.56
N ALA A 68 10.25 17.64 -0.42
CA ALA A 68 11.51 17.15 0.15
C ALA A 68 11.34 16.86 1.63
N ARG A 69 10.55 17.69 2.29
CA ARG A 69 10.30 17.50 3.71
C ARG A 69 8.90 18.02 3.99
N ILE A 70 8.12 17.30 4.78
CA ILE A 70 6.77 17.76 5.12
C ILE A 70 6.74 17.95 6.63
N ASP A 71 6.73 19.20 7.07
CA ASP A 71 6.74 19.49 8.51
C ASP A 71 5.78 18.61 9.32
N ALA A 72 6.30 18.02 10.40
CA ALA A 72 5.51 17.15 11.26
C ALA A 72 4.14 17.75 11.59
N ALA A 73 4.07 19.07 11.62
CA ALA A 73 2.82 19.75 11.91
C ALA A 73 1.99 19.62 10.64
N ALA A 74 2.35 20.42 9.64
CA ALA A 74 1.66 20.42 8.34
C ALA A 74 0.16 20.31 8.54
N PHE A 75 -0.38 19.14 8.26
CA PHE A 75 -1.80 18.95 8.43
C PHE A 75 -2.00 18.88 9.94
N THR A 76 -2.52 19.95 10.51
CA THR A 76 -2.71 20.01 11.96
C THR A 76 -4.17 20.11 12.39
N GLY A 77 -4.90 21.02 11.77
CA GLY A 77 -6.29 21.20 12.12
C GLY A 77 -7.18 20.64 11.03
N LEU A 78 -6.59 19.84 10.14
CA LEU A 78 -7.36 19.27 9.06
C LEU A 78 -8.08 18.02 9.53
N ALA A 79 -8.90 18.19 10.56
CA ALA A 79 -9.64 17.09 11.13
C ALA A 79 -10.71 16.52 10.18
N LEU A 80 -11.17 17.32 9.24
CA LEU A 80 -12.17 16.85 8.31
C LEU A 80 -11.55 16.37 7.00
N LEU A 81 -10.23 16.30 6.97
CA LEU A 81 -9.55 15.87 5.76
C LEU A 81 -9.92 14.45 5.36
N GLU A 82 -10.35 14.27 4.12
CA GLU A 82 -10.71 12.95 3.63
C GLU A 82 -9.63 12.34 2.74
N GLN A 83 -9.26 13.08 1.69
CA GLN A 83 -8.24 12.60 0.77
C GLN A 83 -7.06 13.54 0.86
N LEU A 84 -5.88 12.96 0.97
CA LEU A 84 -4.64 13.69 1.06
C LEU A 84 -3.65 12.94 0.17
N ASP A 85 -3.40 13.46 -1.02
CA ASP A 85 -2.52 12.81 -1.99
C ASP A 85 -1.13 13.46 -2.06
N LEU A 86 -0.11 12.75 -1.60
CA LEU A 86 1.24 13.28 -1.64
C LEU A 86 2.07 12.53 -2.63
N SER A 87 1.43 11.76 -3.51
CA SER A 87 2.18 10.92 -4.44
C SER A 87 3.13 11.60 -5.41
N ASP A 88 4.01 10.78 -6.01
CA ASP A 88 4.98 11.25 -6.98
C ASP A 88 5.96 12.32 -6.51
N ASN A 89 6.49 12.14 -5.31
CA ASN A 89 7.46 13.07 -4.78
C ASN A 89 8.65 12.19 -4.40
N ALA A 90 9.36 11.73 -5.42
CA ALA A 90 10.48 10.83 -5.21
C ALA A 90 11.63 11.42 -4.40
N GLN A 91 11.44 12.59 -3.83
CA GLN A 91 12.51 13.21 -3.08
C GLN A 91 12.17 13.33 -1.60
N LEU A 92 10.95 12.93 -1.24
CA LEU A 92 10.49 13.02 0.13
C LEU A 92 11.26 12.06 1.06
N ARG A 93 11.43 10.83 0.59
CA ARG A 93 12.11 9.77 1.31
C ARG A 93 11.55 9.45 2.69
N SER A 94 10.85 10.39 3.32
CA SER A 94 10.32 10.10 4.64
C SER A 94 9.27 11.05 5.18
N VAL A 95 8.52 10.53 6.16
CA VAL A 95 7.43 11.27 6.78
C VAL A 95 7.56 11.10 8.30
N ASP A 96 7.73 12.20 9.03
CA ASP A 96 7.85 12.12 10.49
C ASP A 96 6.66 11.36 11.01
N PRO A 97 6.91 10.31 11.76
CA PRO A 97 5.89 9.45 12.33
C PRO A 97 4.62 10.13 12.84
N ALA A 98 4.72 11.35 13.38
CA ALA A 98 3.53 12.03 13.92
C ALA A 98 2.72 12.84 12.92
N THR A 99 3.12 12.78 11.66
CA THR A 99 2.47 13.53 10.57
C THR A 99 0.98 13.38 10.39
N PHE A 100 0.51 12.14 10.35
CA PHE A 100 -0.91 11.93 10.12
C PHE A 100 -1.75 11.76 11.37
N HIS A 101 -1.11 11.83 12.53
CA HIS A 101 -1.77 11.66 13.82
C HIS A 101 -3.21 12.16 13.90
N GLY A 102 -3.47 13.44 13.61
CA GLY A 102 -4.85 13.88 13.65
C GLY A 102 -5.64 13.10 12.60
N LEU A 103 -5.77 13.70 11.42
CA LEU A 103 -6.45 13.10 10.27
C LEU A 103 -7.41 11.96 10.55
N GLY A 104 -8.36 12.18 11.45
CA GLY A 104 -9.28 11.11 11.77
C GLY A 104 -10.16 10.67 10.61
N ARG A 105 -10.88 11.62 10.01
CA ARG A 105 -11.76 11.25 8.92
C ARG A 105 -11.07 10.80 7.65
N LEU A 106 -9.74 10.81 7.64
CA LEU A 106 -8.99 10.40 6.46
C LEU A 106 -9.52 9.09 5.85
N HIS A 107 -9.92 9.16 4.58
CA HIS A 107 -10.47 8.04 3.82
C HIS A 107 -9.41 7.50 2.86
N THR A 108 -8.75 8.37 2.12
CA THR A 108 -7.73 7.93 1.19
C THR A 108 -6.43 8.74 1.36
N LEU A 109 -5.31 8.02 1.35
CA LEU A 109 -3.98 8.61 1.53
C LEU A 109 -3.02 8.00 0.52
N HIS A 110 -2.47 8.83 -0.38
CA HIS A 110 -1.52 8.34 -1.38
C HIS A 110 -0.09 8.73 -1.02
N LEU A 111 0.79 7.76 -0.88
CA LEU A 111 2.18 8.03 -0.55
C LEU A 111 3.05 7.23 -1.50
N ASP A 112 2.47 6.87 -2.65
CA ASP A 112 3.18 6.10 -3.65
C ASP A 112 4.20 6.95 -4.38
N ARG A 113 5.09 6.32 -5.13
CA ARG A 113 6.09 7.02 -5.89
C ARG A 113 6.79 8.08 -5.02
N CYS A 114 7.13 7.67 -3.80
CA CYS A 114 7.83 8.55 -2.87
C CYS A 114 9.02 7.74 -2.35
N GLY A 115 10.18 8.38 -2.24
CA GLY A 115 11.35 7.65 -1.77
C GLY A 115 11.26 6.97 -0.41
N LEU A 116 10.04 6.83 0.11
CA LEU A 116 9.86 6.20 1.40
C LEU A 116 10.73 4.97 1.57
N GLN A 117 11.71 5.05 2.46
CA GLN A 117 12.58 3.92 2.71
C GLN A 117 12.01 3.07 3.84
N GLU A 118 11.50 3.72 4.88
CA GLU A 118 10.94 2.98 6.00
C GLU A 118 9.57 3.49 6.40
N LEU A 119 8.81 2.66 7.10
CA LEU A 119 7.49 3.07 7.58
C LEU A 119 7.66 3.22 9.09
N GLY A 120 7.92 4.46 9.53
CA GLY A 120 8.13 4.73 10.94
C GLY A 120 7.09 4.22 11.92
N PRO A 121 7.45 4.16 13.22
CA PRO A 121 6.62 3.71 14.33
C PRO A 121 5.10 3.91 14.19
N GLY A 122 4.57 5.01 14.69
CA GLY A 122 3.12 5.20 14.58
C GLY A 122 2.63 5.97 13.37
N LEU A 123 3.36 5.87 12.26
CA LEU A 123 3.01 6.59 11.04
C LEU A 123 1.52 6.57 10.75
N PHE A 124 0.91 5.40 10.91
CA PHE A 124 -0.51 5.29 10.64
C PHE A 124 -1.36 5.14 11.88
N ARG A 125 -0.91 5.71 13.01
CA ARG A 125 -1.66 5.61 14.26
C ARG A 125 -3.13 6.09 14.13
N GLY A 126 -4.04 5.24 14.59
CA GLY A 126 -5.45 5.56 14.56
C GLY A 126 -6.03 6.31 13.37
N LEU A 127 -5.71 5.87 12.15
CA LEU A 127 -6.27 6.53 10.97
C LEU A 127 -7.67 5.96 10.67
N ALA A 128 -8.16 5.14 11.59
CA ALA A 128 -9.47 4.48 11.52
C ALA A 128 -10.27 4.58 10.22
N ALA A 129 -10.77 5.77 9.92
CA ALA A 129 -11.54 6.01 8.71
C ALA A 129 -10.90 5.56 7.40
N LEU A 130 -9.57 5.46 7.37
CA LEU A 130 -8.84 5.08 6.17
C LEU A 130 -9.34 3.79 5.50
N GLN A 131 -9.45 3.82 4.17
CA GLN A 131 -9.92 2.68 3.37
C GLN A 131 -8.93 2.35 2.25
N TYR A 132 -8.42 3.40 1.61
CA TYR A 132 -7.44 3.27 0.53
C TYR A 132 -6.12 3.83 1.05
N LEU A 133 -5.05 3.04 0.97
CA LEU A 133 -3.73 3.49 1.44
C LEU A 133 -2.68 3.08 0.41
N TYR A 134 -2.39 3.96 -0.53
CA TYR A 134 -1.41 3.68 -1.60
C TYR A 134 0.06 3.80 -1.18
N LEU A 135 0.82 2.72 -1.34
CA LEU A 135 2.23 2.78 -0.99
C LEU A 135 3.09 2.08 -2.01
N GLN A 136 2.69 2.07 -3.28
CA GLN A 136 3.50 1.38 -4.28
C GLN A 136 4.65 2.16 -4.84
N ASP A 137 5.71 1.44 -5.17
CA ASP A 137 6.88 2.05 -5.76
C ASP A 137 7.62 3.01 -4.87
N ASN A 138 8.07 2.52 -3.73
CA ASN A 138 8.87 3.32 -2.82
C ASN A 138 10.09 2.46 -2.64
N ALA A 139 10.84 2.72 -1.57
CA ALA A 139 12.04 1.96 -1.29
C ALA A 139 11.85 1.16 -0.01
N LEU A 140 10.59 0.85 0.32
CA LEU A 140 10.31 0.11 1.54
C LEU A 140 11.00 -1.26 1.54
N GLN A 141 11.76 -1.53 2.60
CA GLN A 141 12.49 -2.80 2.72
C GLN A 141 11.76 -3.83 3.57
N ALA A 142 11.01 -3.38 4.57
CA ALA A 142 10.30 -4.34 5.40
C ALA A 142 9.01 -3.79 5.96
N LEU A 143 8.10 -4.69 6.30
CA LEU A 143 6.82 -4.27 6.87
C LEU A 143 6.87 -4.66 8.34
N PRO A 144 7.28 -3.73 9.21
CA PRO A 144 7.38 -3.99 10.65
C PRO A 144 6.02 -4.30 11.30
N ASP A 145 6.08 -5.07 12.38
CA ASP A 145 4.91 -5.49 13.14
C ASP A 145 3.84 -4.42 13.41
N ASP A 146 2.58 -4.84 13.32
CA ASP A 146 1.47 -3.95 13.58
C ASP A 146 1.46 -2.61 12.86
N THR A 147 2.16 -2.53 11.74
CA THR A 147 2.21 -1.28 10.99
C THR A 147 0.86 -0.75 10.52
N PHE A 148 -0.07 -1.64 10.19
CA PHE A 148 -1.39 -1.18 9.74
C PHE A 148 -2.51 -1.54 10.72
N ARG A 149 -2.10 -1.81 11.97
CA ARG A 149 -3.02 -2.20 13.05
C ARG A 149 -4.31 -1.37 13.16
N ASP A 150 -4.16 -0.10 13.50
CA ASP A 150 -5.34 0.73 13.67
C ASP A 150 -6.23 0.86 12.40
N LEU A 151 -5.68 0.61 11.22
CA LEU A 151 -6.45 0.74 9.96
C LEU A 151 -7.55 -0.33 9.79
N GLY A 152 -8.69 -0.10 10.44
CA GLY A 152 -9.77 -1.07 10.39
C GLY A 152 -10.72 -1.06 9.21
N ASN A 153 -10.78 0.04 8.46
CA ASN A 153 -11.69 0.05 7.32
C ASN A 153 -10.91 -0.14 6.03
N LEU A 154 -9.59 -0.21 6.17
CA LEU A 154 -8.74 -0.37 5.01
C LEU A 154 -9.26 -1.53 4.16
N THR A 155 -9.57 -1.23 2.89
CA THR A 155 -10.04 -2.25 1.96
C THR A 155 -9.12 -2.32 0.77
N HIS A 156 -8.15 -1.41 0.71
CA HIS A 156 -7.24 -1.39 -0.40
C HIS A 156 -5.84 -1.00 0.06
N LEU A 157 -4.95 -1.99 0.13
CA LEU A 157 -3.58 -1.72 0.54
C LEU A 157 -2.67 -2.11 -0.63
N PHE A 158 -2.02 -1.13 -1.25
CA PHE A 158 -1.09 -1.39 -2.36
C PHE A 158 0.37 -1.22 -1.92
N LEU A 159 1.17 -2.28 -2.03
CA LEU A 159 2.56 -2.21 -1.63
C LEU A 159 3.51 -2.71 -2.69
N HIS A 160 3.01 -2.96 -3.90
CA HIS A 160 3.85 -3.48 -4.94
C HIS A 160 4.89 -2.49 -5.41
N GLY A 161 5.93 -3.00 -6.06
CA GLY A 161 6.98 -2.14 -6.60
C GLY A 161 8.00 -1.68 -5.59
N ASN A 162 7.90 -2.23 -4.39
CA ASN A 162 8.84 -1.87 -3.34
C ASN A 162 10.00 -2.80 -3.30
N ARG A 163 10.51 -3.04 -2.10
CA ARG A 163 11.65 -3.93 -1.87
C ARG A 163 11.35 -4.77 -0.64
N ILE A 164 10.07 -5.00 -0.35
CA ILE A 164 9.70 -5.84 0.80
C ILE A 164 10.34 -7.20 0.49
N SER A 165 11.02 -7.77 1.48
CA SER A 165 11.69 -9.04 1.28
C SER A 165 11.01 -10.23 1.92
N SER A 166 10.02 -9.95 2.78
CA SER A 166 9.35 -11.03 3.49
C SER A 166 8.16 -10.51 4.29
N VAL A 167 7.23 -11.39 4.61
CA VAL A 167 6.03 -11.01 5.34
C VAL A 167 5.92 -11.69 6.69
N PRO A 168 6.27 -10.97 7.77
CA PRO A 168 6.20 -11.54 9.12
C PRO A 168 4.79 -11.52 9.73
N GLU A 169 4.62 -12.31 10.80
CA GLU A 169 3.35 -12.41 11.51
C GLU A 169 2.77 -11.02 11.80
N ARG A 170 3.48 -10.21 12.59
CA ARG A 170 3.03 -8.87 12.91
C ARG A 170 2.30 -8.10 11.80
N ALA A 171 2.98 -7.75 10.72
CA ALA A 171 2.36 -6.98 9.62
C ALA A 171 1.01 -7.52 9.14
N PHE A 172 0.10 -6.61 8.81
CA PHE A 172 -1.24 -7.00 8.36
C PHE A 172 -1.97 -7.63 9.54
N ARG A 173 -2.00 -6.96 10.68
CA ARG A 173 -2.67 -7.53 11.83
C ARG A 173 -4.13 -7.06 11.94
N GLY A 174 -4.36 -5.81 12.27
CA GLY A 174 -5.74 -5.37 12.39
C GLY A 174 -6.46 -5.13 11.07
N LEU A 175 -5.80 -5.46 9.97
CA LEU A 175 -6.35 -5.24 8.62
C LEU A 175 -7.61 -5.95 8.27
N HIS A 176 -8.53 -6.07 9.22
CA HIS A 176 -9.82 -6.71 8.93
C HIS A 176 -10.42 -5.94 7.75
N SER A 177 -11.47 -6.50 7.14
CA SER A 177 -12.15 -5.86 6.00
C SER A 177 -11.27 -5.48 4.80
N LEU A 178 -9.98 -5.85 4.85
CA LEU A 178 -9.07 -5.56 3.76
C LEU A 178 -9.55 -6.38 2.56
N ASP A 179 -10.03 -5.74 1.49
CA ASP A 179 -10.51 -6.50 0.34
C ASP A 179 -9.44 -6.88 -0.68
N ARG A 180 -8.37 -6.11 -0.80
CA ARG A 180 -7.32 -6.50 -1.75
C ARG A 180 -5.97 -5.85 -1.56
N LEU A 181 -4.95 -6.64 -1.24
CA LEU A 181 -3.62 -6.07 -1.11
C LEU A 181 -2.77 -6.74 -2.18
N LEU A 182 -1.93 -5.93 -2.82
CA LEU A 182 -1.05 -6.40 -3.86
C LEU A 182 0.37 -6.33 -3.34
N LEU A 183 1.16 -7.37 -3.57
CA LEU A 183 2.54 -7.38 -3.09
C LEU A 183 3.50 -7.68 -4.22
N HIS A 184 2.99 -7.73 -5.45
CA HIS A 184 3.85 -8.05 -6.59
C HIS A 184 5.07 -7.14 -6.76
N GLN A 185 5.94 -7.55 -7.67
CA GLN A 185 7.14 -6.80 -7.94
C GLN A 185 7.96 -6.50 -6.67
N ASN A 186 7.85 -7.35 -5.64
CA ASN A 186 8.65 -7.17 -4.43
C ASN A 186 9.68 -8.29 -4.38
N ARG A 187 10.55 -8.28 -3.35
CA ARG A 187 11.59 -9.30 -3.17
C ARG A 187 11.21 -10.31 -2.07
N VAL A 188 9.91 -10.61 -1.96
CA VAL A 188 9.41 -11.54 -0.95
C VAL A 188 9.96 -12.96 -1.03
N ALA A 189 10.82 -13.29 -0.06
CA ALA A 189 11.46 -14.60 0.04
C ALA A 189 10.64 -15.55 0.89
N HIS A 190 10.19 -15.07 2.05
CA HIS A 190 9.41 -15.89 2.98
C HIS A 190 8.09 -15.23 3.40
N VAL A 191 7.05 -16.04 3.51
CA VAL A 191 5.77 -15.53 3.95
C VAL A 191 5.41 -16.37 5.16
N HIS A 192 5.70 -15.86 6.35
CA HIS A 192 5.41 -16.59 7.57
C HIS A 192 3.96 -17.01 7.63
N PRO A 193 3.68 -18.26 8.01
CA PRO A 193 2.28 -18.74 8.09
C PRO A 193 1.56 -17.89 9.11
N HIS A 194 0.24 -17.87 9.05
CA HIS A 194 -0.50 -17.03 10.00
C HIS A 194 -0.34 -15.54 9.66
N ALA A 195 0.54 -15.21 8.71
CA ALA A 195 0.75 -13.81 8.35
C ALA A 195 -0.56 -13.23 7.85
N PHE A 196 -1.45 -14.10 7.40
CA PHE A 196 -2.74 -13.67 6.91
C PHE A 196 -3.83 -14.12 7.91
N ARG A 197 -3.41 -14.37 9.14
CA ARG A 197 -4.31 -14.85 10.17
C ARG A 197 -5.40 -13.94 10.71
N ASP A 198 -6.20 -13.39 9.80
CA ASP A 198 -7.33 -12.47 10.11
C ASP A 198 -7.47 -11.56 8.90
N LEU A 199 -6.89 -12.04 7.81
CA LEU A 199 -6.88 -11.39 6.53
C LEU A 199 -8.00 -12.09 5.75
N GLY A 200 -9.01 -12.59 6.46
CA GLY A 200 -10.12 -13.25 5.79
C GLY A 200 -10.89 -12.16 5.08
N ARG A 201 -12.00 -12.47 4.44
CA ARG A 201 -12.74 -11.41 3.74
C ARG A 201 -11.92 -10.87 2.54
N LEU A 202 -10.61 -11.14 2.54
CA LEU A 202 -9.76 -10.68 1.45
C LEU A 202 -10.24 -11.29 0.13
N MET A 203 -10.49 -10.42 -0.85
CA MET A 203 -10.97 -10.84 -2.15
C MET A 203 -9.86 -11.17 -3.15
N THR A 204 -8.81 -10.35 -3.17
CA THR A 204 -7.73 -10.61 -4.11
C THR A 204 -6.33 -10.26 -3.60
N LEU A 205 -5.43 -11.23 -3.76
CA LEU A 205 -4.03 -11.12 -3.33
C LEU A 205 -3.09 -11.27 -4.53
N TYR A 206 -2.02 -10.46 -4.57
CA TYR A 206 -1.02 -10.53 -5.65
C TYR A 206 0.37 -10.79 -5.07
N LEU A 207 1.04 -11.83 -5.55
CA LEU A 207 2.38 -12.12 -5.06
C LEU A 207 3.34 -12.38 -6.21
N PHE A 208 2.85 -12.20 -7.43
CA PHE A 208 3.69 -12.45 -8.59
C PHE A 208 4.94 -11.60 -8.64
N ALA A 209 5.96 -12.12 -9.33
CA ALA A 209 7.24 -11.44 -9.42
C ALA A 209 7.69 -11.18 -7.98
N ASN A 210 8.22 -12.20 -7.32
CA ASN A 210 8.60 -12.02 -5.92
C ASN A 210 9.66 -12.88 -5.24
N ASN A 211 10.35 -13.75 -5.96
CA ASN A 211 11.38 -14.55 -5.30
C ASN A 211 10.84 -15.40 -4.13
N LEU A 212 9.82 -16.19 -4.39
CA LEU A 212 9.26 -17.09 -3.38
C LEU A 212 9.59 -18.50 -3.86
N SER A 213 10.17 -19.33 -2.99
CA SER A 213 10.51 -20.69 -3.39
C SER A 213 9.30 -21.61 -3.23
N ALA A 214 8.64 -21.49 -2.08
CA ALA A 214 7.44 -22.27 -1.78
C ALA A 214 6.76 -21.61 -0.58
N LEU A 215 5.43 -21.71 -0.52
CA LEU A 215 4.66 -21.12 0.56
C LEU A 215 4.48 -22.13 1.69
N PRO A 216 4.53 -21.68 2.96
CA PRO A 216 4.35 -22.57 4.11
C PRO A 216 2.99 -23.24 4.04
N THR A 217 2.63 -23.99 5.07
CA THR A 217 1.35 -24.67 5.07
C THR A 217 0.17 -23.76 5.39
N GLU A 218 0.00 -23.44 6.66
CA GLU A 218 -1.13 -22.60 7.08
C GLU A 218 -1.24 -21.21 6.41
N ALA A 219 -0.31 -20.88 5.51
CA ALA A 219 -0.28 -19.58 4.84
C ALA A 219 -1.56 -19.13 4.16
N LEU A 220 -1.95 -19.79 3.08
CA LEU A 220 -3.17 -19.39 2.37
C LEU A 220 -4.46 -19.86 3.03
N ALA A 221 -4.32 -20.49 4.19
CA ALA A 221 -5.46 -21.04 4.90
C ALA A 221 -6.56 -20.06 5.26
N PRO A 222 -6.22 -18.95 5.93
CA PRO A 222 -7.24 -17.98 6.33
C PRO A 222 -7.94 -17.31 5.16
N LEU A 223 -7.39 -17.43 3.97
CA LEU A 223 -8.01 -16.77 2.83
C LEU A 223 -9.33 -17.35 2.33
N ARG A 224 -10.25 -17.59 3.26
CA ARG A 224 -11.56 -18.10 2.89
C ARG A 224 -12.15 -16.92 2.15
N ALA A 225 -12.93 -17.16 1.09
CA ALA A 225 -13.53 -16.04 0.35
C ALA A 225 -12.59 -15.33 -0.63
N LEU A 226 -11.36 -15.82 -0.75
CA LEU A 226 -10.43 -15.21 -1.70
C LEU A 226 -10.92 -15.60 -3.09
N GLN A 227 -10.75 -14.72 -4.06
CA GLN A 227 -11.23 -14.98 -5.43
C GLN A 227 -10.16 -14.83 -6.51
N TYR A 228 -9.10 -14.09 -6.21
CA TYR A 228 -8.04 -13.89 -7.19
C TYR A 228 -6.70 -13.99 -6.53
N LEU A 229 -5.88 -14.89 -7.05
CA LEU A 229 -4.53 -15.12 -6.52
C LEU A 229 -3.56 -15.14 -7.68
N ARG A 230 -2.57 -14.24 -7.65
CA ARG A 230 -1.55 -14.16 -8.71
C ARG A 230 -0.16 -14.56 -8.15
N LEU A 231 0.31 -15.75 -8.54
CA LEU A 231 1.58 -16.27 -8.05
C LEU A 231 2.66 -16.48 -9.13
N ASN A 232 2.47 -15.93 -10.33
CA ASN A 232 3.46 -16.15 -11.38
C ASN A 232 4.76 -15.41 -11.14
N ASP A 233 5.78 -15.78 -11.91
CA ASP A 233 7.07 -15.11 -11.83
C ASP A 233 7.75 -15.25 -10.46
N ASN A 234 7.88 -16.49 -10.01
CA ASN A 234 8.55 -16.79 -8.76
C ASN A 234 9.28 -18.13 -8.95
N PRO A 235 10.45 -18.28 -8.31
CA PRO A 235 11.23 -19.52 -8.41
C PRO A 235 10.56 -20.68 -7.68
N TRP A 236 9.33 -20.98 -8.07
CA TRP A 236 8.61 -22.06 -7.44
C TRP A 236 9.32 -23.39 -7.55
N VAL A 237 9.84 -23.89 -6.43
CA VAL A 237 10.52 -25.18 -6.41
C VAL A 237 9.40 -26.21 -6.23
N CYS A 238 9.48 -27.31 -6.96
CA CYS A 238 8.43 -28.32 -6.86
C CYS A 238 8.77 -29.70 -6.34
N ASP A 239 9.05 -29.76 -5.05
CA ASP A 239 9.34 -31.04 -4.44
C ASP A 239 8.26 -31.25 -3.40
N CYS A 240 8.35 -32.33 -2.63
CA CYS A 240 7.34 -32.64 -1.63
C CYS A 240 6.94 -31.37 -0.86
N ARG A 241 7.89 -30.46 -0.69
CA ARG A 241 7.61 -29.22 0.03
C ARG A 241 6.48 -28.41 -0.60
N ALA A 242 6.14 -28.70 -1.85
CA ALA A 242 5.09 -27.94 -2.50
C ALA A 242 3.71 -28.51 -2.29
N ARG A 243 3.62 -29.71 -1.73
CA ARG A 243 2.32 -30.31 -1.52
C ARG A 243 1.26 -29.36 -0.97
N PRO A 244 1.51 -28.77 0.20
CA PRO A 244 0.50 -27.86 0.75
C PRO A 244 -0.05 -26.90 -0.29
N LEU A 245 0.81 -26.17 -1.00
CA LEU A 245 0.32 -25.23 -2.02
C LEU A 245 -0.35 -25.99 -3.13
N TRP A 246 0.29 -27.06 -3.61
CA TRP A 246 -0.28 -27.84 -4.66
C TRP A 246 -1.71 -28.15 -4.27
N ALA A 247 -1.87 -28.67 -3.06
CA ALA A 247 -3.18 -29.03 -2.58
C ALA A 247 -4.13 -27.84 -2.57
N TRP A 248 -3.71 -26.79 -1.88
CA TRP A 248 -4.54 -25.59 -1.77
C TRP A 248 -5.05 -25.09 -3.13
N LEU A 249 -4.25 -25.30 -4.17
CA LEU A 249 -4.65 -24.87 -5.50
C LEU A 249 -5.71 -25.78 -6.08
N GLN A 250 -5.60 -27.09 -5.86
CA GLN A 250 -6.59 -28.02 -6.40
C GLN A 250 -7.99 -27.70 -5.85
N LYS A 251 -8.07 -27.58 -4.53
CA LYS A 251 -9.35 -27.29 -3.87
C LYS A 251 -9.73 -25.83 -4.09
N PHE A 252 -8.76 -24.93 -4.02
CA PHE A 252 -9.31 -23.57 -4.71
C PHE A 252 -10.39 -23.42 -5.79
N ARG A 253 -11.48 -22.75 -5.41
CA ARG A 253 -12.62 -22.51 -6.27
C ARG A 253 -12.48 -21.23 -7.09
N GLY A 254 -11.82 -20.24 -6.49
CA GLY A 254 -11.61 -18.97 -7.17
C GLY A 254 -10.75 -19.08 -8.42
N SER A 255 -10.23 -17.94 -8.87
CA SER A 255 -9.40 -17.88 -10.06
C SER A 255 -7.93 -17.71 -9.70
N SER A 256 -7.11 -18.69 -10.07
CA SER A 256 -5.67 -18.61 -9.81
C SER A 256 -4.95 -18.21 -11.08
N SER A 257 -3.62 -18.17 -11.01
CA SER A 257 -2.79 -17.83 -12.15
C SER A 257 -2.05 -19.09 -12.53
N GLU A 258 -0.83 -18.94 -13.04
CA GLU A 258 -0.02 -20.09 -13.39
C GLU A 258 1.09 -20.09 -12.35
N VAL A 259 1.35 -21.23 -11.73
CA VAL A 259 2.42 -21.31 -10.72
C VAL A 259 3.54 -22.13 -11.32
N PRO A 260 4.39 -21.49 -12.14
CA PRO A 260 5.50 -22.16 -12.80
C PRO A 260 6.64 -22.69 -11.97
N CYS A 261 6.73 -24.01 -11.89
CA CYS A 261 7.82 -24.65 -11.17
C CYS A 261 9.04 -24.18 -11.95
N SER A 262 10.07 -23.73 -11.25
CA SER A 262 11.28 -23.30 -11.96
C SER A 262 12.41 -24.18 -11.45
N LEU A 263 12.04 -25.23 -10.74
CA LEU A 263 13.01 -26.15 -10.17
C LEU A 263 12.22 -27.24 -9.45
N PRO A 264 12.69 -28.48 -9.48
CA PRO A 264 13.91 -28.99 -10.12
C PRO A 264 13.68 -29.05 -11.62
N GLN A 265 14.74 -29.31 -12.38
CA GLN A 265 14.60 -29.39 -13.84
C GLN A 265 13.70 -30.58 -14.08
N ARG A 266 13.56 -30.99 -15.34
CA ARG A 266 12.74 -32.16 -15.66
C ARG A 266 11.26 -31.91 -15.37
N LEU A 267 11.02 -30.97 -14.48
CA LEU A 267 9.66 -30.60 -14.09
C LEU A 267 9.62 -29.10 -14.35
N ALA A 268 10.81 -28.52 -14.52
CA ALA A 268 10.95 -27.09 -14.77
C ALA A 268 10.16 -26.68 -16.01
N GLY A 269 9.42 -25.60 -15.88
CA GLY A 269 8.62 -25.13 -17.00
C GLY A 269 7.18 -25.56 -16.79
N ARG A 270 6.96 -26.64 -16.06
CA ARG A 270 5.60 -27.07 -15.80
C ARG A 270 4.95 -26.22 -14.71
N ASP A 271 3.63 -26.14 -14.75
CA ASP A 271 2.87 -25.36 -13.78
C ASP A 271 2.31 -26.24 -12.70
N LEU A 272 2.67 -25.90 -11.47
CA LEU A 272 2.24 -26.62 -10.29
C LEU A 272 0.74 -26.87 -10.26
N LYS A 273 -0.04 -25.99 -10.86
CA LYS A 273 -1.48 -26.17 -10.84
C LYS A 273 -1.91 -27.41 -11.62
N ARG A 274 -1.03 -27.94 -12.46
CA ARG A 274 -1.42 -29.13 -13.24
C ARG A 274 -0.60 -30.39 -12.99
N LEU A 275 0.34 -30.31 -12.05
CA LEU A 275 1.15 -31.49 -11.73
C LEU A 275 0.28 -32.49 -10.98
N ALA A 276 0.49 -33.77 -11.24
CA ALA A 276 -0.28 -34.81 -10.56
C ALA A 276 0.30 -34.91 -9.15
N ALA A 277 -0.50 -35.36 -8.19
CA ALA A 277 -0.01 -35.46 -6.83
C ALA A 277 1.36 -36.15 -6.69
N ASN A 278 1.61 -37.19 -7.46
CA ASN A 278 2.89 -37.88 -7.34
C ASN A 278 4.01 -37.36 -8.24
N ASP A 279 3.88 -36.11 -8.67
CA ASP A 279 4.92 -35.50 -9.50
C ASP A 279 5.91 -34.86 -8.56
N LEU A 280 5.46 -34.63 -7.33
CA LEU A 280 6.27 -34.02 -6.28
C LEU A 280 6.97 -35.07 -5.45
N GLN A 281 8.24 -35.31 -5.74
CA GLN A 281 9.03 -36.30 -5.02
C GLN A 281 10.13 -35.64 -4.20
N GLY A 282 11.20 -36.40 -3.94
CA GLY A 282 12.30 -35.88 -3.14
C GLY A 282 11.79 -35.54 -1.76
N CYS A 283 11.08 -36.49 -1.14
CA CYS A 283 10.51 -36.29 0.18
C CYS A 283 11.52 -36.32 1.30
N ALA A 284 11.01 -36.37 2.53
CA ALA A 284 11.85 -36.38 3.73
C ALA A 284 13.26 -36.95 3.57
N VAL A 285 14.18 -36.09 3.11
CA VAL A 285 15.57 -36.51 2.93
C VAL A 285 16.53 -35.50 3.59
C1 NAG B . -18.03 25.73 7.49
C2 NAG B . -19.25 26.30 8.27
C3 NAG B . -19.12 27.82 8.50
C4 NAG B . -17.71 28.23 8.98
C5 NAG B . -16.65 27.58 8.09
C6 NAG B . -15.22 27.90 8.49
C7 NAG B . -20.77 24.81 7.10
C8 NAG B . -20.84 24.59 5.58
N2 NAG B . -20.48 26.04 7.55
O1 NAG B . -18.07 24.34 7.48
O3 NAG B . -20.10 28.26 9.44
O4 NAG B . -17.58 29.65 8.94
O5 NAG B . -16.79 26.15 8.09
O6 NAG B . -14.49 28.44 7.39
O7 NAG B . -20.98 23.86 7.87
C1 NDG C . -16.14 1.51 9.27
C2 NDG C . -17.67 1.40 9.53
C3 NDG C . -18.37 2.80 9.57
C4 NDG C . -17.55 3.85 10.33
C5 NDG C . -16.09 3.80 9.92
C6 NDG C . -15.23 4.79 10.68
C7 NDG C . -17.89 -0.67 8.24
C8 NDG C . -18.13 -1.17 6.82
O5 NDG C . -15.56 2.47 10.16
O3 NDG C . -19.65 2.68 10.20
O4 NDG C . -18.06 5.14 10.06
O6 NDG C . -15.14 6.01 9.96
O7 NDG C . -17.34 -1.42 9.08
N2 NDG C . -18.31 0.57 8.51
O1 NDG C . -15.90 1.91 7.97
#